data_3EDY
#
_entry.id   3EDY
#
_cell.length_a   59.807
_cell.length_b   93.173
_cell.length_c   102.479
_cell.angle_alpha   90.00
_cell.angle_beta   90.00
_cell.angle_gamma   90.00
#
_symmetry.space_group_name_H-M   'P 21 21 21'
#
loop_
_entity.id
_entity.type
_entity.pdbx_description
1 polymer 'Tripeptidyl-peptidase 1'
2 non-polymer 'CALCIUM ION'
3 non-polymer 2-acetamido-2-deoxy-beta-D-glucopyranose
4 non-polymer 1,2-ETHANEDIOL
5 water water
#
_entity_poly.entity_id   1
_entity_poly.type   'polypeptide(L)'
_entity_poly.pdbx_seq_one_letter_code
;SYSPEPDQRRTLPPGWVSLGRADPEEELSLTFALRQQNVERLSELVQAVSDPSSPQYGKYLTLENVADLVRPSPLTLHTV
QKWLLAAGAQKCHSVITQDFLTCWLSIRQAELLLPGAEFHHYVGGPTETHVVRSPHPYQLPQALAPHVDFVGGLHRFPPT
SSLRQRPEPQVTGTVGLHLGVTPSVIRKRYNLTSQDVGSGTSNNSQACAQFLEQYFHDSDLAQFMRLFGGNFAHQASVAR
VVGQQGRGRAGIEASLDVQYLMSAGANISTWVYSSPGRHEGQEPFLQWLMLLSNESALPHVHTVSYGDDEDSLSSAYIQR
VNTELMKAAARGLTLLFASGDSGAGCWSVSGRHQFRPTFPASSPYVTTVGGTSFQEPFLITNEIVDYISGGGFSNVFPRP
SYQEEAVTKFLSSSPHLPPSSYFNASGRAYPDVAALSDGYWVVSNRVPIPWVSGTSASTPVFGGILSLINEHRILSGRPP
LGFLNPRLYQQHGAGLFDVTRGCHESCLDEEVEGQGFCSGPGWDPVTGWGTPNFPALLKTLLNP
;
_entity_poly.pdbx_strand_id   A
#
loop_
_chem_comp.id
_chem_comp.type
_chem_comp.name
_chem_comp.formula
CA non-polymer 'CALCIUM ION' 'Ca 2'
EDO non-polymer 1,2-ETHANEDIOL 'C2 H6 O2'
NAG D-saccharide, beta linking 2-acetamido-2-deoxy-beta-D-glucopyranose 'C8 H15 N O6'
#
# COMPACT_ATOMS: atom_id res chain seq x y z
N SER A 1 12.51 7.52 31.94
CA SER A 1 12.18 7.58 30.51
C SER A 1 11.64 6.21 30.13
N TYR A 2 11.19 6.08 28.89
CA TYR A 2 10.69 4.81 28.39
C TYR A 2 10.94 4.68 26.89
N SER A 3 11.10 3.44 26.43
CA SER A 3 11.13 3.14 25.00
C SER A 3 9.71 2.98 24.45
N PRO A 4 9.32 3.89 23.56
CA PRO A 4 8.03 3.79 22.88
C PRO A 4 7.99 2.62 21.90
N GLU A 5 9.17 2.18 21.45
CA GLU A 5 9.26 1.18 20.40
C GLU A 5 10.33 0.15 20.73
N PRO A 6 10.21 -0.50 21.88
CA PRO A 6 11.03 -1.66 22.21
C PRO A 6 10.88 -2.78 21.19
N ASP A 7 9.75 -2.79 20.48
CA ASP A 7 9.36 -3.95 19.68
C ASP A 7 9.45 -3.66 18.19
N GLN A 8 10.03 -2.51 17.86
CA GLN A 8 10.47 -2.24 16.49
C GLN A 8 11.80 -2.93 16.19
N ARG A 9 11.80 -3.79 15.19
CA ARG A 9 13.02 -4.44 14.73
C ARG A 9 14.05 -3.42 14.27
N ARG A 10 15.31 -3.61 14.66
CA ARG A 10 16.36 -2.64 14.33
C ARG A 10 17.49 -3.31 13.55
N THR A 11 17.26 -4.53 13.08
CA THR A 11 18.28 -5.32 12.47
C THR A 11 18.56 -4.80 11.05
N LEU A 12 19.81 -4.88 10.62
CA LEU A 12 20.22 -4.33 9.33
C LEU A 12 19.70 -5.24 8.21
N PRO A 13 18.81 -4.74 7.35
CA PRO A 13 18.20 -5.68 6.41
C PRO A 13 19.21 -6.13 5.36
N PRO A 14 18.91 -7.21 4.64
CA PRO A 14 19.85 -7.70 3.63
C PRO A 14 20.13 -6.65 2.56
N GLY A 15 21.39 -6.55 2.14
CA GLY A 15 21.76 -5.69 1.04
C GLY A 15 21.96 -4.24 1.47
N TRP A 16 21.96 -4.02 2.77
CA TRP A 16 22.34 -2.72 3.33
C TRP A 16 23.74 -2.78 3.95
N VAL A 17 24.45 -1.66 3.88
CA VAL A 17 25.76 -1.54 4.50
C VAL A 17 25.84 -0.30 5.39
N SER A 18 26.45 -0.45 6.57
CA SER A 18 26.69 0.67 7.45
C SER A 18 27.97 1.41 7.07
N LEU A 19 27.84 2.71 6.83
CA LEU A 19 28.86 3.46 6.10
C LEU A 19 29.75 4.25 7.06
N GLY A 20 29.18 4.65 8.19
CA GLY A 20 29.88 5.48 9.14
C GLY A 20 28.96 6.11 10.17
N ARG A 21 29.53 6.56 11.28
CA ARG A 21 28.79 7.35 12.24
C ARG A 21 28.42 8.72 11.65
N ALA A 22 27.15 9.12 11.80
CA ALA A 22 26.75 10.49 11.37
C ALA A 22 27.51 11.57 12.17
N ASP A 23 27.97 12.61 11.47
CA ASP A 23 28.69 13.72 12.14
C ASP A 23 27.75 14.48 13.09
N PRO A 24 28.25 14.84 14.29
CA PRO A 24 27.43 15.56 15.25
C PRO A 24 26.78 16.83 14.69
N GLU A 25 27.42 17.43 13.70
CA GLU A 25 26.96 18.70 13.16
C GLU A 25 26.09 18.56 11.89
N GLU A 26 25.86 17.34 11.46
CA GLU A 26 24.92 17.12 10.36
C GLU A 26 23.52 17.47 10.84
N GLU A 27 22.66 17.85 9.89
CA GLU A 27 21.26 18.13 10.17
C GLU A 27 20.41 16.97 9.67
N LEU A 28 19.38 16.64 10.42
CA LEU A 28 18.41 15.69 9.92
C LEU A 28 17.02 16.07 10.33
N SER A 29 16.04 15.51 9.64
CA SER A 29 14.66 15.94 9.80
C SER A 29 13.78 14.80 10.33
N LEU A 30 13.31 14.95 11.56
CA LEU A 30 12.59 13.87 12.24
C LEU A 30 11.11 14.19 12.38
N THR A 31 10.27 13.22 12.06
CA THR A 31 8.82 13.40 12.13
C THR A 31 8.27 12.87 13.45
N PHE A 32 7.62 13.74 14.21
CA PHE A 32 7.06 13.37 15.50
C PHE A 32 5.56 13.15 15.42
N ALA A 33 5.14 11.91 15.66
CA ALA A 33 3.73 11.57 15.66
C ALA A 33 3.07 11.90 17.00
N LEU A 34 2.19 12.90 16.98
CA LEU A 34 1.64 13.44 18.22
C LEU A 34 0.33 12.75 18.60
N ARG A 35 0.02 12.76 19.88
CA ARG A 35 -1.13 12.02 20.39
C ARG A 35 -2.44 12.62 19.89
N GLN A 36 -3.22 11.82 19.16
CA GLN A 36 -4.48 12.27 18.62
C GLN A 36 -5.61 12.14 19.64
N GLN A 37 -6.72 12.84 19.39
CA GLN A 37 -7.91 12.69 20.20
C GLN A 37 -9.02 11.99 19.44
N ASN A 38 -9.95 11.38 20.17
CA ASN A 38 -11.25 11.00 19.61
C ASN A 38 -11.12 9.90 18.56
N VAL A 39 -10.13 9.02 18.74
CA VAL A 39 -9.83 8.01 17.74
C VAL A 39 -10.93 6.94 17.69
N GLU A 40 -11.47 6.59 18.85
CA GLU A 40 -12.59 5.66 18.92
C GLU A 40 -13.82 6.21 18.21
N ARG A 41 -14.09 7.50 18.42
CA ARG A 41 -15.18 8.17 17.71
C ARG A 41 -14.96 8.16 16.21
N LEU A 42 -13.71 8.40 15.79
CA LEU A 42 -13.34 8.28 14.37
C LEU A 42 -13.66 6.90 13.80
N SER A 43 -13.34 5.83 14.52
CA SER A 43 -13.69 4.49 14.05
C SER A 43 -15.20 4.28 13.93
N GLU A 44 -15.99 4.89 14.82
CA GLU A 44 -17.44 4.82 14.66
C GLU A 44 -17.92 5.55 13.40
N LEU A 45 -17.35 6.72 13.14
CA LEU A 45 -17.75 7.51 11.99
C LEU A 45 -17.39 6.80 10.70
N VAL A 46 -16.25 6.13 10.68
CA VAL A 46 -15.88 5.32 9.52
C VAL A 46 -16.83 4.17 9.29
N GLN A 47 -17.20 3.46 10.37
CA GLN A 47 -18.14 2.35 10.27
C GLN A 47 -19.43 2.80 9.62
N ALA A 48 -19.88 4.00 9.99
CA ALA A 48 -21.14 4.54 9.48
C ALA A 48 -21.04 4.96 8.02
N VAL A 49 -20.03 5.75 7.67
CA VAL A 49 -19.92 6.31 6.32
C VAL A 49 -19.54 5.24 5.27
N SER A 50 -19.04 4.08 5.71
CA SER A 50 -18.65 3.03 4.76
C SER A 50 -19.63 1.87 4.65
N ASP A 51 -20.61 1.84 5.55
CA ASP A 51 -21.61 0.79 5.57
C ASP A 51 -22.80 1.19 4.69
N PRO A 52 -23.02 0.44 3.61
CA PRO A 52 -24.03 0.80 2.61
C PRO A 52 -25.44 0.67 3.17
N SER A 53 -25.57 0.06 4.33
CA SER A 53 -26.87 -0.08 4.99
C SER A 53 -27.17 1.12 5.88
N SER A 54 -26.16 1.94 6.12
CA SER A 54 -26.31 3.10 6.99
C SER A 54 -26.83 4.31 6.22
N PRO A 55 -27.73 5.07 6.85
CA PRO A 55 -28.16 6.35 6.31
C PRO A 55 -27.00 7.32 6.10
N GLN A 56 -25.88 7.05 6.75
CA GLN A 56 -24.75 7.96 6.74
C GLN A 56 -23.76 7.60 5.63
N TYR A 57 -24.07 6.53 4.89
CA TYR A 57 -23.20 6.05 3.84
C TYR A 57 -22.85 7.17 2.86
N GLY A 58 -21.55 7.35 2.62
CA GLY A 58 -21.09 8.25 1.58
C GLY A 58 -21.00 9.69 2.04
N LYS A 59 -21.48 9.94 3.25
CA LYS A 59 -21.44 11.29 3.81
C LYS A 59 -20.11 11.58 4.49
N TYR A 60 -19.06 11.70 3.68
CA TYR A 60 -17.69 11.63 4.19
C TYR A 60 -17.31 12.95 4.88
N LEU A 61 -16.35 12.86 5.80
CA LEU A 61 -15.76 14.05 6.39
C LEU A 61 -14.84 14.75 5.40
N THR A 62 -14.86 16.08 5.43
CA THR A 62 -13.75 16.88 4.92
C THR A 62 -12.51 16.70 5.79
N LEU A 63 -11.35 17.01 5.22
CA LEU A 63 -10.11 17.05 5.98
C LEU A 63 -10.23 17.99 7.18
N GLU A 64 -10.96 19.08 6.99
CA GLU A 64 -11.27 20.00 8.09
C GLU A 64 -12.03 19.29 9.20
N ASN A 65 -13.07 18.55 8.82
CA ASN A 65 -13.82 17.74 9.78
C ASN A 65 -12.93 16.78 10.56
N VAL A 66 -12.06 16.07 9.85
CA VAL A 66 -11.16 15.11 10.48
C VAL A 66 -10.21 15.80 11.45
N ALA A 67 -9.66 16.93 11.03
CA ALA A 67 -8.74 17.69 11.86
C ALA A 67 -9.40 18.16 13.15
N ASP A 68 -10.63 18.65 13.03
CA ASP A 68 -11.40 19.10 14.18
C ASP A 68 -11.63 17.95 15.16
N LEU A 69 -11.63 16.73 14.64
CA LEU A 69 -11.91 15.55 15.44
C LEU A 69 -10.67 15.09 16.21
N VAL A 70 -9.56 14.96 15.50
CA VAL A 70 -8.48 14.08 15.91
C VAL A 70 -7.25 14.88 16.36
N ARG A 71 -7.22 16.15 15.99
CA ARG A 71 -6.09 17.01 16.32
C ARG A 71 -5.76 16.95 17.80
N PRO A 72 -4.47 16.98 18.11
CA PRO A 72 -4.01 16.85 19.50
C PRO A 72 -4.58 17.94 20.40
N SER A 73 -4.56 17.71 21.70
CA SER A 73 -5.02 18.70 22.66
C SER A 73 -4.04 19.86 22.68
N PRO A 74 -4.49 21.04 23.11
CA PRO A 74 -3.56 22.13 23.44
C PRO A 74 -2.41 21.71 24.34
N LEU A 75 -2.68 20.89 25.34
CA LEU A 75 -1.61 20.46 26.23
C LEU A 75 -0.54 19.71 25.44
N THR A 76 -0.97 18.80 24.58
CA THR A 76 -0.05 18.01 23.78
C THR A 76 0.78 18.92 22.88
N LEU A 77 0.12 19.81 22.16
CA LEU A 77 0.81 20.68 21.22
C LEU A 77 1.84 21.55 21.92
N HIS A 78 1.46 22.09 23.08
CA HIS A 78 2.31 23.04 23.80
C HIS A 78 3.50 22.35 24.44
N THR A 79 3.25 21.15 24.95
CA THR A 79 4.27 20.36 25.60
C THR A 79 5.32 19.92 24.58
N VAL A 80 4.87 19.44 23.43
CA VAL A 80 5.82 18.99 22.42
C VAL A 80 6.59 20.18 21.81
N GLN A 81 5.88 21.26 21.50
CA GLN A 81 6.53 22.43 20.91
C GLN A 81 7.63 22.97 21.82
N LYS A 82 7.30 23.22 23.09
CA LYS A 82 8.30 23.65 24.08
C LYS A 82 9.48 22.67 24.18
N TRP A 83 9.18 21.38 24.16
CA TRP A 83 10.20 20.35 24.27
C TRP A 83 11.17 20.41 23.08
N LEU A 84 10.63 20.54 21.87
CA LEU A 84 11.46 20.61 20.66
C LEU A 84 12.24 21.92 20.54
N LEU A 85 11.60 23.04 20.85
CA LEU A 85 12.29 24.34 20.75
C LEU A 85 13.50 24.33 21.67
N ALA A 86 13.29 23.86 22.91
CA ALA A 86 14.37 23.74 23.88
C ALA A 86 15.56 22.93 23.36
N ALA A 87 15.29 21.83 22.66
CA ALA A 87 16.34 20.93 22.16
C ALA A 87 17.01 21.47 20.91
N GLY A 88 16.45 22.54 20.34
CA GLY A 88 17.09 23.24 19.23
C GLY A 88 16.45 22.99 17.87
N ALA A 89 15.21 22.51 17.85
CA ALA A 89 14.53 22.21 16.60
C ALA A 89 14.35 23.47 15.75
N GLN A 90 14.45 23.31 14.44
CA GLN A 90 14.30 24.41 13.52
C GLN A 90 13.53 24.04 12.26
N LYS A 91 12.96 25.06 11.62
CA LYS A 91 12.27 24.91 10.35
C LYS A 91 11.27 23.73 10.41
N CYS A 92 10.42 23.76 11.43
CA CYS A 92 9.40 22.75 11.57
C CYS A 92 8.22 23.01 10.66
N HIS A 93 7.59 21.93 10.19
CA HIS A 93 6.29 22.01 9.54
C HIS A 93 5.27 21.11 10.23
N SER A 94 4.01 21.53 10.21
CA SER A 94 2.91 20.67 10.62
C SER A 94 1.98 20.37 9.45
N VAL A 95 0.85 19.72 9.74
CA VAL A 95 -0.15 19.43 8.72
C VAL A 95 -1.55 19.78 9.23
N ILE A 96 -2.52 19.77 8.33
CA ILE A 96 -3.82 20.35 8.59
C ILE A 96 -4.49 19.68 9.80
N THR A 97 -4.11 18.44 10.06
CA THR A 97 -4.67 17.68 11.18
C THR A 97 -3.82 17.83 12.43
N GLN A 98 -2.64 18.42 12.28
CA GLN A 98 -1.91 18.96 13.42
C GLN A 98 -1.35 17.85 14.30
N ASP A 99 -1.35 16.63 13.76
CA ASP A 99 -0.95 15.46 14.54
C ASP A 99 0.36 14.87 14.03
N PHE A 100 0.99 15.57 13.08
CA PHE A 100 2.39 15.36 12.77
C PHE A 100 3.18 16.66 12.85
N LEU A 101 4.41 16.57 13.35
CA LEU A 101 5.30 17.73 13.39
C LEU A 101 6.73 17.33 13.05
N THR A 102 7.23 17.85 11.93
CA THR A 102 8.59 17.54 11.49
C THR A 102 9.54 18.72 11.70
N CYS A 103 10.76 18.45 12.14
CA CYS A 103 11.71 19.52 12.52
C CYS A 103 13.11 19.09 12.13
N TRP A 104 13.93 20.05 11.72
CA TRP A 104 15.36 19.83 11.58
C TRP A 104 16.08 19.90 12.92
N LEU A 105 16.82 18.85 13.25
CA LEU A 105 17.83 18.92 14.30
C LEU A 105 19.21 18.58 13.77
N SER A 106 20.24 19.03 14.47
CA SER A 106 21.57 18.44 14.36
C SER A 106 21.62 17.06 15.01
N ILE A 107 22.51 16.21 14.50
CA ILE A 107 22.68 14.86 15.04
C ILE A 107 22.95 14.91 16.55
N ARG A 108 23.78 15.85 16.97
CA ARG A 108 24.05 16.05 18.38
C ARG A 108 22.77 16.36 19.15
N GLN A 109 22.02 17.34 18.67
CA GLN A 109 20.78 17.75 19.32
C GLN A 109 19.78 16.60 19.37
N ALA A 110 19.73 15.82 18.30
CA ALA A 110 18.75 14.75 18.18
C ALA A 110 19.01 13.63 19.18
N GLU A 111 20.30 13.39 19.46
CA GLU A 111 20.70 12.26 20.29
C GLU A 111 20.66 12.63 21.76
N LEU A 112 20.65 13.93 22.05
CA LEU A 112 20.27 14.43 23.37
C LEU A 112 18.76 14.34 23.57
N LEU A 113 18.00 14.77 22.56
CA LEU A 113 16.55 14.74 22.63
C LEU A 113 16.03 13.32 22.86
N LEU A 114 16.72 12.35 22.28
CA LEU A 114 16.22 10.98 22.24
C LEU A 114 17.33 10.04 22.71
N PRO A 115 17.54 10.00 24.03
CA PRO A 115 18.68 9.27 24.59
C PRO A 115 18.66 7.80 24.19
N GLY A 116 19.83 7.27 23.82
CA GLY A 116 19.92 5.94 23.26
C GLY A 116 20.09 5.96 21.75
N ALA A 117 19.49 6.96 21.10
CA ALA A 117 19.67 7.16 19.67
C ALA A 117 21.15 7.29 19.32
N GLU A 118 21.58 6.48 18.36
CA GLU A 118 22.91 6.60 17.77
C GLU A 118 22.93 6.49 16.25
N PHE A 119 23.08 7.64 15.60
CA PHE A 119 22.83 7.73 14.17
C PHE A 119 24.04 7.33 13.33
N HIS A 120 23.80 6.41 12.40
CA HIS A 120 24.77 6.00 11.39
C HIS A 120 24.19 6.21 10.00
N HIS A 121 25.06 6.35 9.00
CA HIS A 121 24.65 6.31 7.61
C HIS A 121 24.65 4.90 7.04
N TYR A 122 23.60 4.57 6.31
CA TYR A 122 23.50 3.29 5.60
C TYR A 122 23.25 3.54 4.12
N VAL A 123 23.82 2.69 3.29
CA VAL A 123 23.35 2.59 1.91
C VAL A 123 22.83 1.19 1.60
N GLY A 124 21.85 1.12 0.70
CA GLY A 124 21.18 -0.13 0.40
C GLY A 124 20.72 -0.21 -1.04
N GLY A 125 20.81 -1.41 -1.61
CA GLY A 125 20.04 -1.73 -2.81
C GLY A 125 20.75 -1.28 -4.08
N PRO A 126 20.16 -1.62 -5.22
CA PRO A 126 20.86 -1.53 -6.50
C PRO A 126 21.04 -0.08 -6.95
N THR A 127 20.21 0.81 -6.42
CA THR A 127 20.31 2.23 -6.74
C THR A 127 20.82 3.04 -5.55
N GLU A 128 21.43 2.33 -4.59
CA GLU A 128 22.17 2.99 -3.52
C GLU A 128 21.31 4.00 -2.78
N THR A 129 20.21 3.53 -2.21
CA THR A 129 19.36 4.35 -1.35
C THR A 129 20.08 4.70 -0.05
N HIS A 130 20.02 5.96 0.33
CA HIS A 130 20.76 6.45 1.50
C HIS A 130 19.82 6.86 2.62
N VAL A 131 20.09 6.34 3.83
CA VAL A 131 19.36 6.76 5.01
C VAL A 131 20.28 6.95 6.22
N VAL A 132 19.75 7.57 7.24
CA VAL A 132 20.46 7.70 8.52
C VAL A 132 19.54 7.15 9.58
N ARG A 133 20.00 6.15 10.32
CA ARG A 133 19.15 5.41 11.28
C ARG A 133 19.97 5.06 12.52
N SER A 134 19.29 4.70 13.61
CA SER A 134 19.96 4.23 14.82
C SER A 134 19.78 2.71 14.98
N PRO A 135 20.89 1.97 15.18
CA PRO A 135 20.77 0.55 15.50
C PRO A 135 20.34 0.33 16.96
N HIS A 136 20.39 1.40 17.76
CA HIS A 136 20.09 1.29 19.17
C HIS A 136 18.74 1.91 19.47
N PRO A 137 18.01 1.33 20.43
CA PRO A 137 16.72 1.92 20.75
C PRO A 137 16.83 3.28 21.42
N TYR A 138 15.75 4.04 21.35
CA TYR A 138 15.74 5.40 21.89
C TYR A 138 14.66 5.55 22.96
N GLN A 139 14.81 6.59 23.78
CA GLN A 139 13.89 6.82 24.89
C GLN A 139 13.24 8.20 24.79
N LEU A 140 12.02 8.32 25.31
CA LEU A 140 11.43 9.62 25.60
C LEU A 140 11.27 9.82 27.10
N PRO A 141 11.24 11.08 27.52
CA PRO A 141 10.72 11.44 28.85
C PRO A 141 9.37 10.80 29.12
N GLN A 142 9.12 10.46 30.39
CA GLN A 142 7.80 10.00 30.80
C GLN A 142 6.74 11.07 30.56
N ALA A 143 7.15 12.33 30.60
CA ALA A 143 6.22 13.45 30.50
C ALA A 143 5.67 13.58 29.08
N LEU A 144 6.22 12.79 28.16
CA LEU A 144 5.81 12.85 26.77
C LEU A 144 4.95 11.64 26.40
N ALA A 145 4.83 10.70 27.33
CA ALA A 145 4.08 9.48 27.09
C ALA A 145 2.67 9.77 26.59
N PRO A 146 2.11 10.88 27.07
CA PRO A 146 0.71 11.21 26.80
C PRO A 146 0.54 11.92 25.46
N HIS A 147 1.65 12.18 24.79
CA HIS A 147 1.74 13.30 23.85
C HIS A 147 2.41 12.88 22.55
N VAL A 148 3.26 11.86 22.62
CA VAL A 148 4.01 11.39 21.46
C VAL A 148 3.85 9.89 21.26
N ASP A 149 3.47 9.50 20.06
CA ASP A 149 3.31 8.09 19.72
C ASP A 149 4.66 7.46 19.36
N PHE A 150 5.41 8.13 18.49
CA PHE A 150 6.76 7.69 18.17
C PHE A 150 7.51 8.77 17.38
N VAL A 151 8.80 8.55 17.17
CA VAL A 151 9.59 9.42 16.30
C VAL A 151 10.03 8.69 15.03
N GLY A 152 9.50 9.13 13.90
CA GLY A 152 9.91 8.59 12.61
C GLY A 152 11.38 8.84 12.32
N GLY A 153 12.00 7.91 11.61
CA GLY A 153 13.32 8.14 11.03
C GLY A 153 14.42 7.49 11.85
N LEU A 154 14.04 6.64 12.79
CA LEU A 154 14.97 6.13 13.79
C LEU A 154 15.53 4.77 13.39
N HIS A 155 14.70 3.97 12.73
CA HIS A 155 14.91 2.53 12.67
C HIS A 155 14.54 1.97 11.30
N ARG A 156 13.30 2.23 10.88
CA ARG A 156 12.71 1.51 9.76
C ARG A 156 13.37 1.88 8.44
N PHE A 157 13.84 0.87 7.71
CA PHE A 157 14.49 1.09 6.42
C PHE A 157 13.46 1.11 5.30
N PRO A 158 13.71 1.95 4.29
CA PRO A 158 12.89 1.95 3.07
C PRO A 158 13.09 0.68 2.25
N PRO A 159 12.17 0.40 1.34
CA PRO A 159 12.27 -0.77 0.48
C PRO A 159 13.42 -0.65 -0.52
N THR A 160 14.02 -1.77 -0.88
CA THR A 160 14.92 -1.82 -2.04
C THR A 160 14.49 -2.90 -3.03
N SER A 161 14.79 -2.68 -4.30
CA SER A 161 14.27 -3.52 -5.37
C SER A 161 14.94 -4.88 -5.37
N SER A 162 14.19 -5.91 -5.73
CA SER A 162 14.69 -7.29 -5.71
C SER A 162 15.86 -7.47 -6.67
N LEU A 163 16.84 -8.27 -6.26
CA LEU A 163 17.92 -8.68 -7.16
C LEU A 163 17.58 -9.96 -7.89
N ARG A 164 16.31 -10.39 -7.78
CA ARG A 164 15.84 -11.59 -8.46
C ARG A 164 15.90 -11.42 -9.98
N GLN A 165 16.45 -12.42 -10.66
CA GLN A 165 16.55 -12.39 -12.12
C GLN A 165 15.23 -12.79 -12.76
N ARG A 166 14.69 -11.92 -13.61
CA ARG A 166 13.68 -12.32 -14.58
C ARG A 166 14.25 -13.28 -15.61
N PRO A 167 13.37 -13.97 -16.32
CA PRO A 167 13.79 -14.89 -17.39
C PRO A 167 14.61 -14.17 -18.46
N GLU A 168 15.64 -14.84 -18.97
CA GLU A 168 16.46 -14.29 -20.03
C GLU A 168 15.73 -14.34 -21.38
N PRO A 169 16.13 -13.46 -22.29
CA PRO A 169 15.84 -13.64 -23.71
C PRO A 169 16.19 -15.05 -24.19
N GLN A 170 15.39 -15.58 -25.11
CA GLN A 170 15.56 -16.96 -25.55
C GLN A 170 14.75 -17.23 -26.83
N VAL A 171 15.21 -18.19 -27.62
CA VAL A 171 14.37 -18.83 -28.62
C VAL A 171 13.27 -19.65 -27.97
N THR A 172 12.15 -19.80 -28.68
CA THR A 172 11.38 -21.03 -28.63
C THR A 172 10.96 -21.49 -30.03
N GLY A 173 10.21 -22.58 -30.08
CA GLY A 173 9.56 -22.99 -31.32
C GLY A 173 8.10 -22.57 -31.36
N THR A 174 7.60 -22.06 -30.25
CA THR A 174 6.42 -21.21 -30.26
C THR A 174 6.69 -19.87 -29.60
N VAL A 175 7.04 -18.87 -30.41
CA VAL A 175 7.22 -17.51 -29.93
C VAL A 175 5.88 -16.88 -29.56
N GLY A 176 4.85 -17.72 -29.42
CA GLY A 176 3.53 -17.24 -29.06
C GLY A 176 2.88 -16.46 -30.18
N LEU A 177 1.55 -16.47 -30.21
CA LEU A 177 0.79 -15.43 -30.90
C LEU A 177 0.92 -14.08 -30.20
N HIS A 178 1.19 -14.13 -28.90
CA HIS A 178 1.29 -12.92 -28.09
C HIS A 178 1.86 -13.21 -26.71
N LEU A 179 3.06 -12.71 -26.45
CA LEU A 179 3.71 -12.89 -25.16
C LEU A 179 3.22 -11.86 -24.14
N GLY A 180 2.71 -12.34 -23.02
CA GLY A 180 2.71 -11.57 -21.78
C GLY A 180 1.47 -10.71 -21.64
N VAL A 181 1.47 -9.85 -20.63
CA VAL A 181 0.29 -9.05 -20.30
C VAL A 181 0.46 -7.60 -20.72
N THR A 182 -0.51 -7.07 -21.44
CA THR A 182 -0.47 -5.70 -21.89
C THR A 182 -1.81 -5.06 -21.50
N PRO A 183 -1.94 -3.74 -21.67
CA PRO A 183 -3.24 -3.09 -21.51
C PRO A 183 -4.37 -3.76 -22.31
N SER A 184 -4.12 -4.18 -23.55
CA SER A 184 -5.16 -4.86 -24.34
C SER A 184 -5.64 -6.12 -23.64
N VAL A 185 -4.72 -6.86 -23.07
CA VAL A 185 -5.02 -8.12 -22.42
C VAL A 185 -5.89 -7.86 -21.18
N ILE A 186 -5.48 -6.89 -20.36
CA ILE A 186 -6.23 -6.49 -19.16
C ILE A 186 -7.66 -6.08 -19.49
N ARG A 187 -7.79 -5.19 -20.48
CA ARG A 187 -9.09 -4.63 -20.83
C ARG A 187 -9.97 -5.68 -21.47
N LYS A 188 -9.40 -6.61 -22.23
CA LYS A 188 -10.18 -7.71 -22.77
C LYS A 188 -10.69 -8.64 -21.66
N ARG A 189 -9.77 -9.09 -20.81
CA ARG A 189 -10.10 -10.07 -19.77
C ARG A 189 -11.15 -9.52 -18.81
N TYR A 190 -10.99 -8.26 -18.43
CA TYR A 190 -11.87 -7.65 -17.44
C TYR A 190 -12.97 -6.82 -18.11
N ASN A 191 -13.09 -6.98 -19.43
CA ASN A 191 -14.30 -6.57 -20.13
C ASN A 191 -14.54 -5.06 -20.06
N LEU A 192 -13.45 -4.30 -20.12
CA LEU A 192 -13.52 -2.91 -20.56
C LEU A 192 -13.58 -2.82 -22.08
N THR A 193 -14.64 -2.20 -22.60
CA THR A 193 -14.70 -1.82 -24.00
C THR A 193 -13.91 -0.54 -24.26
N SER A 194 -13.77 -0.19 -25.54
CA SER A 194 -13.09 1.05 -25.91
C SER A 194 -13.82 2.27 -25.37
N GLN A 195 -15.12 2.11 -25.11
CA GLN A 195 -15.93 3.18 -24.56
C GLN A 195 -15.68 3.34 -23.06
N ASP A 196 -15.03 2.34 -22.46
CA ASP A 196 -14.86 2.30 -21.03
C ASP A 196 -13.68 3.15 -20.58
N VAL A 197 -13.84 4.46 -20.68
CA VAL A 197 -12.76 5.38 -20.38
C VAL A 197 -13.37 6.59 -19.69
N GLY A 198 -12.58 7.29 -18.91
CA GLY A 198 -12.99 8.59 -18.36
C GLY A 198 -13.37 9.63 -19.38
N SER A 199 -14.30 10.49 -19.01
CA SER A 199 -14.82 11.50 -19.91
C SER A 199 -14.19 12.88 -19.67
N GLY A 200 -13.52 13.07 -18.55
CA GLY A 200 -12.97 14.40 -18.24
C GLY A 200 -13.99 15.47 -17.86
N THR A 201 -15.24 15.05 -17.69
CA THR A 201 -16.34 15.98 -17.50
C THR A 201 -16.66 16.15 -16.02
N SER A 202 -16.13 15.27 -15.19
CA SER A 202 -16.00 15.52 -13.76
C SER A 202 -14.55 15.77 -13.37
N ASN A 203 -14.33 16.14 -12.12
CA ASN A 203 -12.99 16.24 -11.57
C ASN A 203 -12.57 14.96 -10.83
N ASN A 204 -13.11 13.83 -11.27
CA ASN A 204 -12.59 12.53 -10.88
C ASN A 204 -11.09 12.40 -11.15
N SER A 205 -10.37 11.82 -10.21
CA SER A 205 -8.93 11.64 -10.34
C SER A 205 -8.45 10.44 -9.54
N GLN A 206 -7.22 9.99 -9.82
CA GLN A 206 -6.70 8.77 -9.24
C GLN A 206 -5.21 8.94 -9.04
N ALA A 207 -4.59 8.02 -8.31
CA ALA A 207 -3.23 8.19 -7.84
C ALA A 207 -2.55 6.86 -7.57
N CYS A 208 -1.26 6.78 -7.88
CA CYS A 208 -0.43 5.67 -7.44
C CYS A 208 0.76 6.15 -6.64
N ALA A 209 1.19 5.33 -5.67
CA ALA A 209 2.44 5.58 -4.96
C ALA A 209 3.28 4.30 -4.87
N GLN A 210 4.58 4.44 -5.12
CA GLN A 210 5.55 3.48 -4.61
C GLN A 210 6.83 4.19 -4.16
N PHE A 211 7.74 3.44 -3.54
CA PHE A 211 8.64 3.99 -2.54
C PHE A 211 10.05 3.42 -2.70
N LEU A 212 10.32 2.83 -3.86
CA LEU A 212 11.69 2.55 -4.27
C LEU A 212 12.37 3.79 -4.82
N GLU A 213 13.68 3.87 -4.64
CA GLU A 213 14.47 4.96 -5.20
C GLU A 213 14.49 4.90 -6.72
N GLN A 214 13.35 5.19 -7.33
CA GLN A 214 13.26 5.32 -8.78
C GLN A 214 12.48 6.55 -9.19
N TYR A 215 12.82 7.11 -10.35
CA TYR A 215 12.15 8.31 -10.85
C TYR A 215 11.06 7.96 -11.85
N PHE A 216 9.94 8.66 -11.78
CA PHE A 216 8.92 8.60 -12.82
C PHE A 216 9.34 9.36 -14.07
N HIS A 217 9.15 8.74 -15.22
CA HIS A 217 9.41 9.41 -16.50
C HIS A 217 8.13 9.56 -17.31
N ASP A 218 7.74 10.81 -17.55
CA ASP A 218 6.63 11.10 -18.45
C ASP A 218 6.91 10.56 -19.86
N SER A 219 8.18 10.54 -20.24
CA SER A 219 8.57 10.09 -21.56
C SER A 219 8.31 8.59 -21.72
N ASP A 220 8.50 7.84 -20.64
CA ASP A 220 8.25 6.40 -20.65
C ASP A 220 6.76 6.12 -20.77
N LEU A 221 5.95 6.90 -20.05
CA LEU A 221 4.50 6.80 -20.17
C LEU A 221 4.03 7.10 -21.58
N ALA A 222 4.60 8.13 -22.18
CA ALA A 222 4.26 8.52 -23.54
C ALA A 222 4.56 7.38 -24.52
N GLN A 223 5.73 6.78 -24.37
CA GLN A 223 6.14 5.67 -25.22
C GLN A 223 5.27 4.44 -24.95
N PHE A 224 5.04 4.15 -23.67
CA PHE A 224 4.13 3.08 -23.28
C PHE A 224 2.78 3.21 -23.98
N MET A 225 2.26 4.43 -24.02
CA MET A 225 0.91 4.68 -24.51
C MET A 225 0.85 4.63 -26.02
N ARG A 226 1.93 5.03 -26.67
CA ARG A 226 2.09 4.84 -28.11
C ARG A 226 2.16 3.37 -28.47
N LEU A 227 2.83 2.58 -27.63
CA LEU A 227 2.98 1.15 -27.87
C LEU A 227 1.66 0.42 -27.70
N PHE A 228 0.95 0.73 -26.63
CA PHE A 228 -0.02 -0.19 -26.05
C PHE A 228 -1.42 0.41 -26.00
N GLY A 229 -1.50 1.71 -26.30
CA GLY A 229 -2.68 2.49 -25.95
C GLY A 229 -3.53 2.82 -27.16
N GLY A 230 -3.30 2.10 -28.25
CA GLY A 230 -3.81 2.50 -29.55
C GLY A 230 -5.33 2.49 -29.62
N ASN A 231 -5.94 1.64 -28.81
CA ASN A 231 -7.32 1.23 -29.03
C ASN A 231 -8.23 1.63 -27.87
N PHE A 232 -7.72 2.49 -26.99
CA PHE A 232 -8.56 3.18 -26.03
C PHE A 232 -8.07 4.59 -25.77
N ALA A 233 -9.00 5.53 -25.59
CA ALA A 233 -8.67 6.90 -25.26
C ALA A 233 -7.85 6.97 -23.98
N HIS A 234 -6.75 7.72 -24.02
CA HIS A 234 -5.79 7.72 -22.94
C HIS A 234 -5.14 9.07 -22.80
N GLN A 235 -4.54 9.27 -21.63
CA GLN A 235 -3.65 10.40 -21.41
C GLN A 235 -2.22 9.90 -21.43
N ALA A 236 -1.33 10.71 -21.98
CA ALA A 236 0.05 10.33 -22.10
C ALA A 236 0.96 11.10 -21.14
N SER A 237 0.36 11.86 -20.22
CA SER A 237 1.09 12.56 -19.18
C SER A 237 0.34 12.48 -17.85
N VAL A 238 1.05 12.52 -16.74
CA VAL A 238 0.37 12.62 -15.45
C VAL A 238 -0.07 14.04 -15.18
N ALA A 239 -1.12 14.18 -14.37
CA ALA A 239 -1.65 15.47 -14.01
C ALA A 239 -0.77 16.18 -12.97
N ARG A 240 -0.10 15.39 -12.14
CA ARG A 240 0.67 15.93 -11.07
C ARG A 240 1.72 14.91 -10.63
N VAL A 241 2.93 15.38 -10.39
CA VAL A 241 3.96 14.54 -9.74
C VAL A 241 4.21 15.10 -8.35
N VAL A 242 3.99 14.28 -7.32
CA VAL A 242 4.19 14.73 -5.94
C VAL A 242 5.44 14.08 -5.37
N GLY A 243 6.39 14.92 -4.96
CA GLY A 243 7.56 14.42 -4.22
C GLY A 243 8.87 14.27 -5.00
N GLN A 244 8.82 14.42 -6.32
CA GLN A 244 10.00 14.18 -7.16
C GLN A 244 10.66 15.47 -7.59
N GLN A 245 11.93 15.63 -7.22
CA GLN A 245 12.70 16.79 -7.61
C GLN A 245 13.88 16.33 -8.44
N GLY A 246 14.15 17.05 -9.51
CA GLY A 246 15.32 16.77 -10.33
C GLY A 246 15.10 15.63 -11.28
N ARG A 247 16.19 15.20 -11.91
CA ARG A 247 16.15 14.23 -12.97
C ARG A 247 16.91 13.01 -12.46
N GLY A 248 16.46 11.82 -12.85
CA GLY A 248 17.11 10.60 -12.42
C GLY A 248 16.61 9.37 -13.19
N ARG A 249 17.18 8.21 -12.87
CA ARG A 249 16.96 7.01 -13.66
C ARG A 249 15.61 6.38 -13.28
N ALA A 250 14.87 5.96 -14.32
CA ALA A 250 13.61 5.27 -14.18
C ALA A 250 13.85 3.86 -13.67
N GLY A 251 12.81 3.22 -13.20
CA GLY A 251 12.90 1.84 -12.74
C GLY A 251 11.62 1.12 -13.10
N ILE A 252 11.65 -0.19 -12.99
CA ILE A 252 10.47 -1.00 -13.36
C ILE A 252 9.26 -0.69 -12.48
N GLU A 253 9.44 -0.58 -11.18
CA GLU A 253 8.30 -0.42 -10.26
C GLU A 253 7.59 0.93 -10.40
N ALA A 254 8.40 1.94 -10.67
CA ALA A 254 7.93 3.31 -10.87
C ALA A 254 7.32 3.51 -12.26
N SER A 255 7.51 2.54 -13.16
CA SER A 255 6.89 2.57 -14.48
C SER A 255 5.56 1.81 -14.42
N LEU A 256 5.61 0.66 -13.74
CA LEU A 256 4.52 -0.30 -13.69
C LEU A 256 3.26 0.36 -13.18
N ASP A 257 3.38 1.04 -12.04
CA ASP A 257 2.21 1.50 -11.34
C ASP A 257 1.43 2.52 -12.16
N VAL A 258 2.12 3.50 -12.72
CA VAL A 258 1.44 4.56 -13.48
C VAL A 258 0.92 4.06 -14.80
N GLN A 259 1.75 3.28 -15.50
CA GLN A 259 1.47 2.91 -16.88
C GLN A 259 0.20 2.08 -16.98
N TYR A 260 -0.22 1.49 -15.86
CA TYR A 260 -1.24 0.45 -15.87
C TYR A 260 -2.45 0.87 -15.04
N LEU A 261 -2.22 1.75 -14.07
CA LEU A 261 -3.30 2.57 -13.52
C LEU A 261 -3.99 3.39 -14.61
N MET A 262 -3.18 3.94 -15.52
CA MET A 262 -3.71 4.79 -16.57
C MET A 262 -4.20 3.99 -17.77
N SER A 263 -4.03 2.67 -17.72
CA SER A 263 -4.60 1.79 -18.72
C SER A 263 -5.91 1.18 -18.25
N ALA A 264 -5.98 0.84 -16.97
CA ALA A 264 -7.19 0.27 -16.38
C ALA A 264 -8.21 1.36 -16.05
N GLY A 265 -7.72 2.48 -15.54
CA GLY A 265 -8.52 3.69 -15.46
C GLY A 265 -8.12 4.72 -16.50
N ALA A 266 -8.59 4.54 -17.73
CA ALA A 266 -8.06 5.26 -18.87
C ALA A 266 -8.72 6.63 -19.01
N ASN A 267 -7.96 7.61 -19.49
CA ASN A 267 -8.46 8.98 -19.62
C ASN A 267 -9.02 9.51 -18.31
N ILE A 268 -8.37 9.16 -17.20
CA ILE A 268 -8.65 9.80 -15.92
C ILE A 268 -7.40 10.47 -15.36
N SER A 269 -7.57 11.72 -14.92
CA SER A 269 -6.46 12.48 -14.37
C SER A 269 -5.75 11.69 -13.30
N THR A 270 -4.43 11.57 -13.43
CA THR A 270 -3.65 10.70 -12.56
C THR A 270 -2.51 11.48 -11.87
N TRP A 271 -2.33 11.25 -10.58
CA TRP A 271 -1.15 11.72 -9.86
C TRP A 271 -0.12 10.60 -9.73
N VAL A 272 1.15 10.99 -9.68
CA VAL A 272 2.21 10.08 -9.23
C VAL A 272 2.89 10.60 -7.97
N TYR A 273 3.03 9.73 -6.98
CA TYR A 273 3.84 10.05 -5.79
C TYR A 273 5.13 9.25 -5.79
N SER A 274 6.25 9.95 -5.65
CA SER A 274 7.54 9.44 -6.09
C SER A 274 8.69 10.28 -5.55
N SER A 275 9.18 9.90 -4.37
CA SER A 275 10.16 10.72 -3.65
C SER A 275 11.49 9.99 -3.53
N PRO A 276 12.10 9.68 -4.67
CA PRO A 276 13.56 9.51 -4.74
C PRO A 276 14.31 10.74 -4.23
N GLY A 277 15.64 10.70 -4.27
CA GLY A 277 16.45 11.83 -3.87
C GLY A 277 16.63 11.91 -2.36
N ARG A 278 17.63 12.66 -1.92
CA ARG A 278 18.13 12.55 -0.56
C ARG A 278 17.17 13.17 0.43
N HIS A 279 16.67 12.37 1.37
CA HIS A 279 16.06 12.88 2.59
C HIS A 279 16.21 11.88 3.74
N GLU A 280 17.41 11.86 4.34
CA GLU A 280 17.92 10.64 4.95
C GLU A 280 17.15 10.29 6.22
N GLY A 281 16.51 11.30 6.82
CA GLY A 281 15.80 11.11 8.07
C GLY A 281 14.34 10.81 7.87
N GLN A 282 13.87 10.97 6.63
CA GLN A 282 12.51 10.58 6.28
C GLN A 282 12.37 9.08 6.10
N GLU A 283 11.30 8.51 6.66
CA GLU A 283 10.73 7.28 6.12
C GLU A 283 9.75 7.58 4.99
N PRO A 284 10.00 7.02 3.81
CA PRO A 284 9.21 7.32 2.61
C PRO A 284 7.73 7.09 2.80
N PHE A 285 7.35 5.97 3.40
CA PHE A 285 5.94 5.69 3.52
C PHE A 285 5.29 6.66 4.51
N LEU A 286 5.92 6.85 5.66
CA LEU A 286 5.37 7.77 6.66
C LEU A 286 5.20 9.17 6.07
N GLN A 287 6.19 9.64 5.32
CA GLN A 287 6.10 10.95 4.65
C GLN A 287 4.84 11.06 3.78
N TRP A 288 4.65 10.04 2.95
CA TRP A 288 3.47 9.98 2.08
C TRP A 288 2.21 10.00 2.91
N LEU A 289 2.18 9.17 3.94
CA LEU A 289 1.00 9.03 4.78
C LEU A 289 0.68 10.34 5.49
N MET A 290 1.70 10.95 6.09
CA MET A 290 1.53 12.21 6.79
C MET A 290 0.94 13.28 5.87
N LEU A 291 1.29 13.21 4.59
CA LEU A 291 1.06 14.30 3.67
C LEU A 291 -0.34 14.22 3.05
N LEU A 292 -0.91 13.01 3.06
CA LEU A 292 -2.34 12.84 2.85
C LEU A 292 -3.14 13.81 3.70
N SER A 293 -2.69 14.05 4.92
CA SER A 293 -3.42 14.86 5.87
C SER A 293 -3.04 16.34 5.76
N ASN A 294 -2.41 16.69 4.65
CA ASN A 294 -1.94 18.05 4.43
C ASN A 294 -2.48 18.65 3.14
N GLU A 295 -3.43 17.96 2.52
CA GLU A 295 -4.02 18.43 1.30
C GLU A 295 -5.48 18.03 1.23
N SER A 296 -6.35 19.02 1.10
CA SER A 296 -7.78 18.82 1.32
C SER A 296 -8.42 18.09 0.15
N ALA A 297 -8.07 18.50 -1.06
CA ALA A 297 -8.60 17.89 -2.27
C ALA A 297 -7.63 16.86 -2.83
N LEU A 298 -7.95 15.58 -2.63
CA LEU A 298 -7.11 14.49 -3.13
C LEU A 298 -7.86 13.66 -4.17
N PRO A 299 -7.10 12.98 -5.02
CA PRO A 299 -7.64 11.88 -5.84
C PRO A 299 -8.45 10.90 -5.00
N HIS A 300 -9.52 10.36 -5.57
CA HIS A 300 -10.42 9.48 -4.85
C HIS A 300 -9.81 8.10 -4.64
N VAL A 301 -8.99 7.68 -5.59
CA VAL A 301 -8.42 6.34 -5.57
C VAL A 301 -6.90 6.39 -5.51
N HIS A 302 -6.33 5.73 -4.51
CA HIS A 302 -4.87 5.64 -4.38
C HIS A 302 -4.42 4.19 -4.40
N THR A 303 -3.51 3.87 -5.30
CA THR A 303 -2.98 2.50 -5.40
C THR A 303 -1.54 2.44 -4.92
N VAL A 304 -1.30 1.62 -3.91
CA VAL A 304 -0.07 1.71 -3.12
C VAL A 304 0.67 0.39 -3.07
N SER A 305 1.91 0.39 -3.51
CA SER A 305 2.82 -0.73 -3.27
C SER A 305 3.78 -0.43 -2.12
N TYR A 306 3.47 -0.97 -0.95
CA TYR A 306 4.39 -0.90 0.18
C TYR A 306 4.06 -1.97 1.22
N GLY A 307 5.09 -2.62 1.75
CA GLY A 307 4.92 -3.58 2.81
C GLY A 307 6.17 -3.74 3.67
N ASP A 308 5.97 -3.92 4.97
CA ASP A 308 6.90 -4.68 5.80
C ASP A 308 6.26 -5.97 6.29
N ASP A 309 7.10 -6.89 6.78
CA ASP A 309 6.65 -7.91 7.70
C ASP A 309 5.96 -7.31 8.92
N GLU A 310 4.73 -7.73 9.18
CA GLU A 310 3.92 -7.14 10.23
C GLU A 310 4.62 -7.24 11.58
N ASP A 311 5.34 -8.34 11.80
CA ASP A 311 5.94 -8.64 13.10
C ASP A 311 7.16 -7.77 13.35
N SER A 312 7.64 -7.10 12.30
CA SER A 312 8.85 -6.28 12.38
C SER A 312 8.55 -4.92 12.99
N LEU A 313 7.28 -4.54 12.98
CA LEU A 313 6.89 -3.18 13.34
C LEU A 313 6.57 -3.07 14.81
N SER A 314 6.82 -1.90 15.39
CA SER A 314 6.36 -1.57 16.74
C SER A 314 4.83 -1.50 16.79
N SER A 315 4.27 -1.83 17.95
CA SER A 315 2.87 -1.57 18.21
C SER A 315 2.52 -0.10 17.99
N ALA A 316 3.35 0.79 18.54
CA ALA A 316 3.13 2.25 18.40
C ALA A 316 2.94 2.64 16.92
N TYR A 317 3.85 2.16 16.07
CA TYR A 317 3.83 2.56 14.66
C TYR A 317 2.66 1.95 13.90
N ILE A 318 2.49 0.64 14.02
CA ILE A 318 1.43 -0.06 13.28
C ILE A 318 0.05 0.46 13.66
N GLN A 319 -0.17 0.72 14.95
CA GLN A 319 -1.48 1.22 15.39
C GLN A 319 -1.71 2.63 14.86
N ARG A 320 -0.67 3.46 14.89
CA ARG A 320 -0.83 4.83 14.41
C ARG A 320 -1.05 4.85 12.89
N VAL A 321 -0.28 4.06 12.15
CA VAL A 321 -0.51 3.99 10.72
C VAL A 321 -1.93 3.55 10.42
N ASN A 322 -2.44 2.59 11.19
CA ASN A 322 -3.82 2.12 10.99
C ASN A 322 -4.83 3.26 11.23
N THR A 323 -4.56 4.13 12.20
CA THR A 323 -5.43 5.31 12.43
C THR A 323 -5.38 6.29 11.25
N GLU A 324 -4.21 6.41 10.62
CA GLU A 324 -4.08 7.29 9.47
C GLU A 324 -4.89 6.73 8.30
N LEU A 325 -4.87 5.42 8.15
CA LEU A 325 -5.73 4.77 7.14
C LEU A 325 -7.23 4.93 7.45
N MET A 326 -7.56 4.95 8.73
CA MET A 326 -8.93 5.24 9.19
C MET A 326 -9.30 6.67 8.80
N LYS A 327 -8.40 7.61 9.03
CA LYS A 327 -8.64 9.00 8.62
C LYS A 327 -8.97 9.09 7.13
N ALA A 328 -8.22 8.39 6.30
CA ALA A 328 -8.44 8.39 4.87
C ALA A 328 -9.79 7.78 4.50
N ALA A 329 -10.18 6.75 5.24
CA ALA A 329 -11.44 6.09 5.04
C ALA A 329 -12.60 7.02 5.44
N ALA A 330 -12.41 7.81 6.48
CA ALA A 330 -13.45 8.77 6.91
C ALA A 330 -13.70 9.84 5.82
N ARG A 331 -12.67 10.10 5.03
CA ARG A 331 -12.73 11.14 3.98
C ARG A 331 -13.23 10.58 2.64
N GLY A 332 -13.51 9.30 2.59
CA GLY A 332 -13.98 8.69 1.35
C GLY A 332 -12.90 8.41 0.32
N LEU A 333 -11.66 8.24 0.77
CA LEU A 333 -10.59 7.79 -0.13
C LEU A 333 -10.59 6.27 -0.21
N THR A 334 -10.40 5.72 -1.41
CA THR A 334 -10.20 4.28 -1.54
C THR A 334 -8.72 4.02 -1.63
N LEU A 335 -8.16 3.39 -0.60
CA LEU A 335 -6.73 3.04 -0.59
C LEU A 335 -6.61 1.55 -0.83
N LEU A 336 -5.90 1.19 -1.89
CA LEU A 336 -5.58 -0.21 -2.21
C LEU A 336 -4.10 -0.47 -1.98
N PHE A 337 -3.79 -1.65 -1.41
CA PHE A 337 -2.43 -2.09 -1.14
C PHE A 337 -2.20 -3.48 -1.74
N ALA A 338 -1.02 -3.64 -2.33
CA ALA A 338 -0.57 -4.93 -2.82
C ALA A 338 -0.46 -5.90 -1.66
N SER A 339 -0.96 -7.12 -1.86
CA SER A 339 -0.98 -8.11 -0.78
C SER A 339 0.37 -8.73 -0.46
N GLY A 340 1.34 -8.57 -1.36
CA GLY A 340 2.69 -9.10 -1.16
C GLY A 340 3.05 -10.12 -2.21
N ASP A 341 4.34 -10.45 -2.31
CA ASP A 341 4.80 -11.35 -3.36
C ASP A 341 5.43 -12.64 -2.83
N SER A 342 5.19 -12.94 -1.56
CA SER A 342 5.77 -14.15 -0.93
C SER A 342 4.72 -15.12 -0.40
N GLY A 343 3.55 -15.13 -1.04
CA GLY A 343 2.48 -16.01 -0.59
C GLY A 343 2.06 -15.71 0.84
N ALA A 344 1.89 -16.77 1.63
CA ALA A 344 1.59 -16.61 3.06
C ALA A 344 2.82 -16.14 3.84
N GLY A 345 3.99 -16.21 3.20
CA GLY A 345 5.23 -15.82 3.86
C GLY A 345 5.83 -16.94 4.70
N CYS A 346 6.99 -16.68 5.30
CA CYS A 346 7.66 -17.67 6.11
C CYS A 346 8.46 -17.00 7.18
N TRP A 347 8.14 -17.33 8.42
CA TRP A 347 8.70 -16.70 9.59
C TRP A 347 9.23 -17.79 10.53
N SER A 348 10.53 -17.76 10.81
CA SER A 348 11.15 -18.68 11.76
C SER A 348 11.15 -18.10 13.18
N VAL A 349 10.37 -18.70 14.06
CA VAL A 349 10.20 -18.18 15.42
C VAL A 349 10.08 -19.35 16.41
N SER A 350 10.83 -19.26 17.50
CA SER A 350 10.73 -20.24 18.58
C SER A 350 11.02 -21.68 18.11
N GLY A 351 11.98 -21.81 17.21
CA GLY A 351 12.43 -23.11 16.75
C GLY A 351 11.54 -23.66 15.64
N ARG A 352 10.54 -22.89 15.24
CA ARG A 352 9.48 -23.38 14.37
C ARG A 352 9.18 -22.39 13.26
N HIS A 353 8.36 -22.81 12.31
CA HIS A 353 7.90 -21.93 11.24
C HIS A 353 6.46 -21.51 11.45
N GLN A 354 6.11 -20.32 10.97
CA GLN A 354 4.72 -19.96 10.70
C GLN A 354 4.61 -18.99 9.54
N PHE A 355 3.38 -18.69 9.13
CA PHE A 355 3.13 -17.69 8.10
C PHE A 355 3.53 -16.30 8.58
N ARG A 356 3.76 -15.41 7.62
CA ARG A 356 4.27 -14.07 7.93
C ARG A 356 3.47 -13.02 7.19
N PRO A 357 2.36 -12.55 7.79
CA PRO A 357 1.59 -11.47 7.16
C PRO A 357 2.36 -10.15 7.04
N THR A 358 1.91 -9.30 6.14
CA THR A 358 2.53 -8.00 5.92
C THR A 358 1.56 -6.86 6.18
N PHE A 359 2.13 -5.69 6.41
CA PHE A 359 1.37 -4.50 6.72
C PHE A 359 1.91 -3.34 5.87
N PRO A 360 1.07 -2.42 5.34
CA PRO A 360 -0.39 -2.25 5.60
C PRO A 360 -1.38 -3.22 5.00
N ALA A 361 -0.96 -4.23 4.23
CA ALA A 361 -1.91 -5.22 3.71
C ALA A 361 -2.86 -5.80 4.76
N SER A 362 -2.39 -5.98 5.99
CA SER A 362 -3.19 -6.53 7.07
C SER A 362 -4.11 -5.51 7.74
N SER A 363 -3.97 -4.24 7.43
CA SER A 363 -4.90 -3.26 8.02
C SER A 363 -6.34 -3.60 7.63
N PRO A 364 -7.24 -3.60 8.61
CA PRO A 364 -8.66 -3.81 8.35
C PRO A 364 -9.26 -2.69 7.50
N TYR A 365 -8.46 -1.68 7.19
CA TYR A 365 -8.97 -0.40 6.74
C TYR A 365 -8.48 -0.06 5.34
N VAL A 366 -7.93 -1.06 4.65
CA VAL A 366 -7.58 -0.92 3.25
C VAL A 366 -8.14 -2.07 2.42
N THR A 367 -8.30 -1.84 1.12
CA THR A 367 -8.59 -2.91 0.18
C THR A 367 -7.30 -3.54 -0.35
N THR A 368 -7.06 -4.79 0.03
CA THR A 368 -5.80 -5.44 -0.26
C THR A 368 -5.92 -6.38 -1.46
N VAL A 369 -4.98 -6.26 -2.40
CA VAL A 369 -5.14 -6.85 -3.72
C VAL A 369 -4.12 -7.94 -3.97
N GLY A 370 -4.61 -9.16 -4.20
CA GLY A 370 -3.74 -10.29 -4.51
C GLY A 370 -3.56 -10.49 -6.00
N GLY A 371 -3.06 -11.65 -6.35
CA GLY A 371 -2.58 -11.88 -7.71
C GLY A 371 -3.09 -13.15 -8.36
N THR A 372 -3.50 -13.05 -9.62
CA THR A 372 -3.87 -14.21 -10.41
C THR A 372 -2.94 -14.41 -11.60
N SER A 373 -3.05 -15.56 -12.26
CA SER A 373 -2.48 -15.74 -13.58
C SER A 373 -3.46 -16.46 -14.50
N PHE A 374 -3.10 -16.52 -15.79
CA PHE A 374 -3.78 -17.42 -16.72
C PHE A 374 -3.23 -18.84 -16.62
N GLN A 375 -3.98 -19.80 -17.13
CA GLN A 375 -3.60 -21.20 -17.05
C GLN A 375 -2.65 -21.58 -18.19
N GLU A 376 -3.05 -21.28 -19.41
CA GLU A 376 -2.14 -21.31 -20.56
C GLU A 376 -1.54 -19.93 -20.82
N PRO A 377 -0.38 -19.91 -21.46
CA PRO A 377 0.43 -18.69 -21.55
C PRO A 377 -0.25 -17.60 -22.36
N PHE A 378 -0.74 -17.96 -23.54
CA PHE A 378 -0.96 -17.00 -24.61
C PHE A 378 -2.37 -16.41 -24.54
N LEU A 379 -3.19 -16.96 -23.65
CA LEU A 379 -4.63 -17.07 -23.90
C LEU A 379 -5.43 -16.66 -22.67
N ILE A 380 -6.38 -15.76 -22.88
CA ILE A 380 -6.83 -14.86 -21.83
C ILE A 380 -8.04 -15.43 -21.08
N THR A 381 -8.09 -16.76 -20.97
CA THR A 381 -9.24 -17.43 -20.39
C THR A 381 -9.20 -17.37 -18.86
N ASN A 382 -9.76 -18.39 -18.22
CA ASN A 382 -10.03 -18.32 -16.78
C ASN A 382 -8.78 -18.00 -15.98
N GLU A 383 -8.97 -17.35 -14.83
CA GLU A 383 -7.86 -16.97 -13.97
C GLU A 383 -7.65 -17.98 -12.86
N ILE A 384 -6.39 -18.27 -12.55
CA ILE A 384 -6.04 -19.04 -11.36
C ILE A 384 -5.12 -18.25 -10.44
N VAL A 385 -4.82 -18.83 -9.29
CA VAL A 385 -3.86 -18.25 -8.36
C VAL A 385 -2.49 -18.07 -9.01
N ASP A 386 -1.91 -16.90 -8.88
CA ASP A 386 -0.47 -16.72 -8.99
C ASP A 386 0.23 -17.05 -7.67
N TYR A 387 1.20 -17.95 -7.73
CA TYR A 387 1.71 -18.62 -6.53
C TYR A 387 2.31 -17.62 -5.55
N ILE A 388 2.66 -16.44 -6.05
CA ILE A 388 3.32 -15.42 -5.24
C ILE A 388 2.32 -14.61 -4.45
N SER A 389 1.04 -14.75 -4.80
CA SER A 389 0.01 -13.85 -4.29
C SER A 389 0.00 -13.82 -2.76
N GLY A 390 0.26 -12.64 -2.21
CA GLY A 390 0.28 -12.48 -0.76
C GLY A 390 -1.08 -12.69 -0.14
N GLY A 391 -1.10 -13.28 1.06
CA GLY A 391 -2.33 -13.43 1.82
C GLY A 391 -2.08 -13.93 3.23
N GLY A 392 -3.10 -13.85 4.07
CA GLY A 392 -3.11 -14.57 5.32
C GLY A 392 -3.81 -13.80 6.44
N PHE A 393 -3.34 -13.98 7.66
CA PHE A 393 -4.08 -13.54 8.84
C PHE A 393 -3.20 -12.68 9.75
N SER A 394 -3.73 -11.52 10.13
CA SER A 394 -3.00 -10.61 11.01
C SER A 394 -2.76 -11.23 12.38
N ASN A 395 -1.63 -10.89 12.99
CA ASN A 395 -1.39 -11.19 14.40
C ASN A 395 -1.67 -9.98 15.29
N VAL A 396 -2.19 -8.91 14.69
CA VAL A 396 -2.30 -7.63 15.38
C VAL A 396 -3.74 -7.14 15.41
N PHE A 397 -4.37 -7.09 14.23
CA PHE A 397 -5.74 -6.60 14.13
C PHE A 397 -6.74 -7.75 14.05
N PRO A 398 -7.75 -7.71 14.91
CA PRO A 398 -8.78 -8.75 14.94
C PRO A 398 -9.69 -8.69 13.71
N ARG A 399 -10.18 -9.84 13.28
CA ARG A 399 -11.16 -9.91 12.19
C ARG A 399 -12.20 -8.81 12.34
N PRO A 400 -12.20 -7.87 11.39
CA PRO A 400 -13.28 -6.88 11.29
C PRO A 400 -14.63 -7.54 11.01
N SER A 401 -15.70 -6.93 11.50
CA SER A 401 -17.01 -7.57 11.52
C SER A 401 -17.52 -7.84 10.11
N TYR A 402 -16.97 -7.12 9.13
CA TYR A 402 -17.51 -7.11 7.78
C TYR A 402 -17.02 -8.30 6.98
N GLN A 403 -16.15 -9.11 7.58
CA GLN A 403 -15.67 -10.33 6.96
C GLN A 403 -15.84 -11.52 7.89
N GLU A 404 -16.70 -11.37 8.89
CA GLU A 404 -16.99 -12.46 9.82
C GLU A 404 -17.54 -13.68 9.09
N GLU A 405 -18.57 -13.47 8.29
CA GLU A 405 -19.21 -14.55 7.56
C GLU A 405 -18.25 -15.22 6.58
N ALA A 406 -17.56 -14.39 5.79
CA ALA A 406 -16.70 -14.89 4.73
C ALA A 406 -15.58 -15.76 5.29
N VAL A 407 -14.95 -15.29 6.35
CA VAL A 407 -13.77 -15.96 6.91
C VAL A 407 -14.17 -17.23 7.65
N THR A 408 -15.21 -17.14 8.47
CA THR A 408 -15.76 -18.30 9.15
C THR A 408 -16.12 -19.40 8.16
N LYS A 409 -16.72 -19.01 7.04
CA LYS A 409 -17.09 -19.97 6.00
C LYS A 409 -15.85 -20.66 5.44
N PHE A 410 -14.82 -19.89 5.14
CA PHE A 410 -13.57 -20.43 4.62
C PHE A 410 -12.95 -21.42 5.62
N LEU A 411 -12.85 -21.00 6.86
CA LEU A 411 -12.16 -21.78 7.89
C LEU A 411 -12.90 -23.09 8.15
N SER A 412 -14.21 -23.07 7.99
CA SER A 412 -15.05 -24.23 8.32
C SER A 412 -15.14 -25.18 7.14
N SER A 413 -14.76 -24.71 5.96
CA SER A 413 -15.16 -25.34 4.71
C SER A 413 -13.94 -25.77 3.90
N SER A 414 -12.84 -25.06 4.06
CA SER A 414 -11.64 -25.28 3.25
C SER A 414 -11.10 -26.69 3.53
N PRO A 415 -10.95 -27.50 2.47
CA PRO A 415 -10.37 -28.83 2.62
C PRO A 415 -8.85 -28.82 2.69
N HIS A 416 -8.21 -27.66 2.55
CA HIS A 416 -6.76 -27.62 2.48
C HIS A 416 -6.14 -26.73 3.55
N LEU A 417 -6.66 -26.77 4.77
CA LEU A 417 -6.23 -25.76 5.74
C LEU A 417 -4.84 -26.13 6.23
N PRO A 418 -3.96 -25.15 6.31
CA PRO A 418 -2.65 -25.39 6.90
C PRO A 418 -2.74 -25.74 8.38
N PRO A 419 -1.63 -26.22 8.97
CA PRO A 419 -1.63 -26.51 10.39
C PRO A 419 -1.96 -25.26 11.16
N SER A 420 -2.68 -25.39 12.27
CA SER A 420 -3.14 -24.21 12.99
C SER A 420 -1.99 -23.43 13.58
N SER A 421 -0.86 -24.08 13.82
CA SER A 421 0.29 -23.36 14.36
C SER A 421 0.82 -22.31 13.39
N TYR A 422 0.52 -22.45 12.10
CA TYR A 422 1.09 -21.55 11.10
C TYR A 422 0.39 -20.18 10.96
N PHE A 423 -0.83 -20.05 11.45
CA PHE A 423 -1.57 -18.80 11.26
C PHE A 423 -2.50 -18.45 12.43
N ASN A 424 -2.89 -17.21 12.49
CA ASN A 424 -3.75 -16.71 13.57
C ASN A 424 -5.19 -16.61 13.05
N ALA A 425 -6.00 -17.62 13.34
CA ALA A 425 -7.39 -17.65 12.84
C ALA A 425 -8.23 -16.45 13.31
N SER A 426 -7.74 -15.72 14.30
CA SER A 426 -8.52 -14.66 14.94
C SER A 426 -8.36 -13.34 14.19
N GLY A 427 -7.46 -13.31 13.22
CA GLY A 427 -6.90 -12.07 12.73
C GLY A 427 -7.55 -11.61 11.45
N ARG A 428 -7.42 -10.31 11.16
CA ARG A 428 -7.82 -9.77 9.86
C ARG A 428 -7.21 -10.58 8.72
N ALA A 429 -8.05 -11.05 7.82
CA ALA A 429 -7.61 -11.93 6.74
C ALA A 429 -7.63 -11.21 5.40
N TYR A 430 -6.62 -11.47 4.58
CA TYR A 430 -6.53 -10.87 3.25
C TYR A 430 -5.99 -11.86 2.23
N PRO A 431 -6.30 -11.63 0.97
CA PRO A 431 -6.63 -10.29 0.49
C PRO A 431 -8.14 -10.03 0.51
N ASP A 432 -8.57 -8.92 -0.07
CA ASP A 432 -9.99 -8.69 -0.31
C ASP A 432 -10.35 -8.91 -1.78
N VAL A 433 -9.42 -8.61 -2.67
CA VAL A 433 -9.62 -8.82 -4.10
C VAL A 433 -8.31 -9.19 -4.79
N ALA A 434 -8.35 -9.24 -6.12
CA ALA A 434 -7.28 -9.85 -6.89
C ALA A 434 -7.32 -9.39 -8.34
N ALA A 435 -6.15 -9.34 -8.98
CA ALA A 435 -6.06 -9.22 -10.43
C ALA A 435 -4.78 -9.83 -10.97
N LEU A 436 -4.66 -9.90 -12.29
CA LEU A 436 -3.47 -10.45 -12.93
C LEU A 436 -2.20 -9.85 -12.33
N SER A 437 -1.19 -10.70 -12.16
CA SER A 437 0.03 -10.31 -11.44
C SER A 437 1.26 -10.88 -12.12
N ASP A 438 1.08 -11.46 -13.30
CA ASP A 438 2.14 -12.21 -13.96
C ASP A 438 2.35 -11.74 -15.40
N GLY A 439 3.54 -11.25 -15.68
CA GLY A 439 4.04 -11.21 -17.04
C GLY A 439 3.72 -9.90 -17.75
N TYR A 440 3.76 -8.80 -17.00
CA TYR A 440 3.42 -7.50 -17.54
C TYR A 440 4.54 -6.95 -18.42
N TRP A 441 4.17 -6.16 -19.42
CA TRP A 441 5.12 -5.26 -20.07
C TRP A 441 5.12 -3.89 -19.41
N VAL A 442 6.32 -3.34 -19.21
CA VAL A 442 6.48 -1.92 -18.91
C VAL A 442 7.47 -1.26 -19.87
N VAL A 443 7.44 0.07 -19.92
CA VAL A 443 8.53 0.83 -20.51
C VAL A 443 9.31 1.60 -19.45
N SER A 444 10.61 1.36 -19.38
CA SER A 444 11.46 2.02 -18.40
C SER A 444 12.78 2.46 -19.02
N ASN A 445 13.07 3.75 -18.94
CA ASN A 445 14.23 4.32 -19.62
C ASN A 445 14.17 4.02 -21.11
N ARG A 446 12.97 4.13 -21.65
CA ARG A 446 12.73 4.03 -23.08
C ARG A 446 12.94 2.62 -23.63
N VAL A 447 12.94 1.63 -22.75
CA VAL A 447 13.13 0.22 -23.13
C VAL A 447 11.90 -0.56 -22.69
N PRO A 448 11.30 -1.33 -23.62
CA PRO A 448 10.24 -2.26 -23.19
C PRO A 448 10.79 -3.47 -22.43
N ILE A 449 10.18 -3.75 -21.29
CA ILE A 449 10.64 -4.82 -20.41
C ILE A 449 9.48 -5.78 -20.10
N PRO A 450 9.62 -7.06 -20.50
CA PRO A 450 8.61 -8.06 -20.25
C PRO A 450 8.88 -8.83 -18.97
N TRP A 451 7.95 -9.73 -18.64
CA TRP A 451 8.09 -10.59 -17.47
C TRP A 451 8.08 -9.81 -16.17
N VAL A 452 7.31 -8.72 -16.09
CA VAL A 452 7.22 -7.99 -14.85
C VAL A 452 6.05 -8.54 -14.02
N SER A 453 6.34 -8.90 -12.77
CA SER A 453 5.45 -9.76 -12.00
C SER A 453 5.32 -9.25 -10.57
N GLY A 454 4.12 -9.38 -10.01
CA GLY A 454 3.89 -9.06 -8.61
C GLY A 454 2.55 -8.39 -8.38
N THR A 455 2.12 -8.35 -7.12
CA THR A 455 0.88 -7.69 -6.75
C THR A 455 0.99 -6.17 -6.88
N SER A 456 2.20 -5.70 -7.12
CA SER A 456 2.41 -4.31 -7.52
C SER A 456 1.78 -4.02 -8.87
N ALA A 457 1.56 -5.08 -9.66
CA ALA A 457 0.91 -4.93 -10.96
C ALA A 457 -0.60 -5.04 -10.82
N SER A 458 -1.06 -6.03 -10.06
CA SER A 458 -2.50 -6.25 -9.88
C SER A 458 -3.17 -5.03 -9.26
N THR A 459 -2.40 -4.26 -8.49
CA THR A 459 -2.97 -3.33 -7.53
C THR A 459 -3.48 -2.05 -8.21
N PRO A 460 -2.68 -1.54 -9.14
CA PRO A 460 -3.08 -0.36 -9.93
C PRO A 460 -4.12 -0.71 -10.98
N VAL A 461 -4.15 -1.97 -11.40
CA VAL A 461 -5.16 -2.45 -12.33
C VAL A 461 -6.54 -2.46 -11.68
N PHE A 462 -6.64 -3.07 -10.51
CA PHE A 462 -7.86 -3.07 -9.75
C PHE A 462 -8.31 -1.65 -9.39
N GLY A 463 -7.37 -0.82 -8.92
CA GLY A 463 -7.67 0.57 -8.63
C GLY A 463 -8.22 1.38 -9.79
N GLY A 464 -7.61 1.25 -10.95
CA GLY A 464 -8.09 1.96 -12.13
C GLY A 464 -9.53 1.61 -12.47
N ILE A 465 -9.87 0.32 -12.41
CA ILE A 465 -11.24 -0.11 -12.65
C ILE A 465 -12.18 0.50 -11.60
N LEU A 466 -11.75 0.55 -10.33
CA LEU A 466 -12.55 1.28 -9.31
C LEU A 466 -12.71 2.75 -9.65
N SER A 467 -11.65 3.38 -10.13
CA SER A 467 -11.72 4.77 -10.47
C SER A 467 -12.69 5.06 -11.65
N LEU A 468 -12.82 4.10 -12.54
CA LEU A 468 -13.79 4.20 -13.65
C LEU A 468 -15.22 4.05 -13.12
N ILE A 469 -15.40 3.14 -12.17
CA ILE A 469 -16.69 3.04 -11.48
C ILE A 469 -17.04 4.35 -10.76
N ASN A 470 -16.08 4.94 -10.05
CA ASN A 470 -16.28 6.25 -9.43
C ASN A 470 -16.73 7.30 -10.41
N GLU A 471 -16.19 7.26 -11.61
CA GLU A 471 -16.58 8.21 -12.67
C GLU A 471 -18.07 8.11 -12.95
N HIS A 472 -18.58 6.89 -13.03
CA HIS A 472 -19.99 6.66 -13.19
C HIS A 472 -20.76 7.23 -12.02
N ARG A 473 -20.27 7.01 -10.80
CA ARG A 473 -20.96 7.43 -9.59
C ARG A 473 -21.03 8.94 -9.50
N ILE A 474 -19.89 9.56 -9.78
CA ILE A 474 -19.74 11.00 -9.67
C ILE A 474 -20.58 11.73 -10.72
N LEU A 475 -20.55 11.25 -11.95
CA LEU A 475 -21.38 11.84 -12.98
C LEU A 475 -22.88 11.75 -12.64
N SER A 476 -23.27 10.70 -11.92
CA SER A 476 -24.67 10.53 -11.53
C SER A 476 -24.98 11.22 -10.20
N GLY A 477 -24.02 11.97 -9.68
CA GLY A 477 -24.25 12.78 -8.49
C GLY A 477 -24.12 12.03 -7.18
N ARG A 478 -23.42 10.90 -7.18
CA ARG A 478 -23.18 10.19 -5.94
C ARG A 478 -21.74 10.36 -5.44
N PRO A 479 -21.51 10.15 -4.14
CA PRO A 479 -20.17 10.23 -3.59
C PRO A 479 -19.33 9.07 -4.10
N PRO A 480 -17.99 9.19 -3.99
CA PRO A 480 -17.15 8.08 -4.45
C PRO A 480 -17.28 6.88 -3.52
N LEU A 481 -16.74 5.74 -3.92
CA LEU A 481 -16.88 4.51 -3.15
C LEU A 481 -16.20 4.62 -1.79
N GLY A 482 -15.06 5.30 -1.77
CA GLY A 482 -14.25 5.38 -0.57
C GLY A 482 -13.83 4.01 -0.05
N PHE A 483 -13.89 3.84 1.26
CA PHE A 483 -13.47 2.60 1.89
C PHE A 483 -14.43 1.46 1.54
N LEU A 484 -13.95 0.51 0.74
CA LEU A 484 -14.81 -0.30 -0.10
C LEU A 484 -15.26 -1.57 0.63
N ASN A 485 -14.48 -1.98 1.63
CA ASN A 485 -14.49 -3.36 2.08
C ASN A 485 -15.84 -3.77 2.65
N PRO A 486 -16.41 -2.92 3.51
CA PRO A 486 -17.71 -3.19 4.11
C PRO A 486 -18.77 -3.51 3.05
N ARG A 487 -18.80 -2.71 1.99
CA ARG A 487 -19.78 -2.90 0.92
C ARG A 487 -19.52 -4.17 0.13
N LEU A 488 -18.26 -4.40 -0.21
CA LEU A 488 -17.86 -5.56 -1.02
C LEU A 488 -18.21 -6.87 -0.31
N TYR A 489 -17.92 -6.92 0.97
CA TYR A 489 -18.21 -8.14 1.73
C TYR A 489 -19.71 -8.28 1.96
N GLN A 490 -20.38 -7.18 2.26
CA GLN A 490 -21.84 -7.20 2.38
C GLN A 490 -22.51 -7.70 1.10
N GLN A 491 -21.92 -7.37 -0.04
CA GLN A 491 -22.43 -7.81 -1.33
C GLN A 491 -21.84 -9.15 -1.82
N HIS A 492 -21.23 -9.91 -0.90
CA HIS A 492 -20.63 -11.22 -1.21
C HIS A 492 -19.81 -11.24 -2.50
N GLY A 493 -19.01 -10.20 -2.70
CA GLY A 493 -18.11 -10.15 -3.86
C GLY A 493 -18.82 -10.11 -5.20
N ALA A 494 -20.07 -9.63 -5.22
CA ALA A 494 -20.83 -9.66 -6.46
C ALA A 494 -20.09 -8.88 -7.55
N GLY A 495 -20.08 -9.41 -8.78
CA GLY A 495 -19.46 -8.71 -9.91
C GLY A 495 -18.02 -9.11 -10.12
N LEU A 496 -17.49 -9.88 -9.18
CA LEU A 496 -16.10 -10.36 -9.29
C LEU A 496 -16.04 -11.81 -9.76
N PHE A 497 -15.01 -12.09 -10.53
CA PHE A 497 -14.73 -13.44 -10.97
C PHE A 497 -14.10 -14.25 -9.84
N ASP A 498 -14.80 -15.29 -9.39
CA ASP A 498 -14.35 -16.07 -8.25
C ASP A 498 -13.17 -16.97 -8.62
N VAL A 499 -12.00 -16.77 -8.01
CA VAL A 499 -10.86 -17.64 -8.24
C VAL A 499 -10.91 -18.85 -7.30
N THR A 500 -10.83 -20.05 -7.87
CA THR A 500 -11.08 -21.27 -7.10
C THR A 500 -10.00 -22.32 -7.29
N ARG A 501 -9.05 -22.10 -8.21
CA ARG A 501 -7.95 -23.02 -8.32
C ARG A 501 -6.61 -22.42 -7.95
N GLY A 502 -5.83 -23.24 -7.24
CA GLY A 502 -4.44 -22.92 -6.91
C GLY A 502 -4.23 -22.46 -5.48
N CYS A 503 -2.97 -22.54 -5.04
CA CYS A 503 -2.55 -22.16 -3.70
C CYS A 503 -1.34 -21.26 -3.88
N HIS A 504 -1.13 -20.39 -2.90
CA HIS A 504 0.07 -19.55 -2.88
C HIS A 504 1.15 -20.14 -1.99
N GLU A 505 2.36 -19.59 -2.07
CA GLU A 505 3.54 -20.25 -1.56
C GLU A 505 3.71 -20.02 -0.07
N SER A 506 4.50 -20.87 0.58
CA SER A 506 5.03 -20.56 1.91
C SER A 506 6.32 -21.33 2.18
N CYS A 507 6.64 -21.53 3.45
CA CYS A 507 7.87 -22.21 3.83
C CYS A 507 8.10 -23.47 3.00
N LEU A 508 9.28 -23.58 2.41
CA LEU A 508 9.70 -24.81 1.77
C LEU A 508 10.22 -25.82 2.79
N ASP A 509 9.29 -26.45 3.51
CA ASP A 509 9.65 -27.21 4.70
C ASP A 509 8.80 -28.48 4.81
N GLU A 510 9.03 -29.24 5.88
CA GLU A 510 8.58 -30.62 5.93
C GLU A 510 7.09 -30.72 6.25
N GLU A 511 6.51 -29.60 6.68
CA GLU A 511 5.14 -29.59 7.18
C GLU A 511 4.18 -29.06 6.14
N VAL A 512 4.49 -27.91 5.57
CA VAL A 512 3.61 -27.24 4.62
C VAL A 512 4.15 -27.34 3.20
N GLU A 513 5.39 -27.79 3.07
CA GLU A 513 5.93 -28.20 1.77
C GLU A 513 5.74 -27.15 0.70
N GLY A 514 6.06 -25.91 1.03
CA GLY A 514 6.02 -24.82 0.07
C GLY A 514 4.68 -24.20 -0.25
N GLN A 515 3.62 -24.60 0.45
CA GLN A 515 2.29 -24.06 0.21
C GLN A 515 1.67 -23.45 1.45
N GLY A 516 0.99 -22.32 1.25
CA GLY A 516 0.22 -21.64 2.30
C GLY A 516 -1.23 -22.02 2.13
N PHE A 517 -2.12 -21.02 2.10
CA PHE A 517 -3.55 -21.27 1.88
C PHE A 517 -3.86 -21.62 0.45
N CYS A 518 -5.02 -22.23 0.24
CA CYS A 518 -5.51 -22.53 -1.11
C CYS A 518 -6.75 -21.73 -1.42
N SER A 519 -6.91 -21.35 -2.68
CA SER A 519 -8.13 -20.68 -3.11
C SER A 519 -9.27 -21.68 -3.18
N GLY A 520 -10.49 -21.17 -3.06
CA GLY A 520 -11.68 -22.02 -3.14
C GLY A 520 -12.90 -21.24 -3.53
N PRO A 521 -14.09 -21.88 -3.47
CA PRO A 521 -15.32 -21.18 -3.78
C PRO A 521 -15.51 -20.02 -2.83
N GLY A 522 -15.86 -18.86 -3.37
CA GLY A 522 -16.08 -17.67 -2.55
C GLY A 522 -14.79 -17.05 -2.05
N TRP A 523 -14.87 -16.41 -0.90
CA TRP A 523 -13.73 -15.68 -0.35
C TRP A 523 -12.64 -16.62 0.12
N ASP A 524 -11.40 -16.34 -0.29
CA ASP A 524 -10.24 -17.02 0.27
C ASP A 524 -9.09 -16.05 0.53
N PRO A 525 -8.15 -16.45 1.38
CA PRO A 525 -7.03 -15.58 1.75
C PRO A 525 -5.87 -15.71 0.78
N VAL A 526 -6.17 -15.98 -0.49
CA VAL A 526 -5.17 -15.90 -1.55
C VAL A 526 -5.57 -14.87 -2.60
N THR A 527 -6.87 -14.75 -2.84
CA THR A 527 -7.38 -13.92 -3.92
C THR A 527 -8.58 -13.10 -3.48
N GLY A 528 -8.93 -13.21 -2.19
CA GLY A 528 -10.13 -12.61 -1.68
C GLY A 528 -11.39 -13.04 -2.41
N TRP A 529 -12.26 -12.08 -2.70
CA TRP A 529 -13.46 -12.34 -3.48
C TRP A 529 -13.11 -12.59 -4.95
N GLY A 530 -12.02 -11.98 -5.40
CA GLY A 530 -11.47 -12.28 -6.71
C GLY A 530 -11.37 -11.04 -7.59
N THR A 531 -11.59 -11.23 -8.89
CA THR A 531 -11.08 -10.31 -9.89
C THR A 531 -12.22 -9.59 -10.61
N PRO A 532 -11.93 -8.40 -11.13
CA PRO A 532 -12.97 -7.44 -11.50
C PRO A 532 -13.53 -7.72 -12.89
N ASN A 533 -14.81 -8.10 -12.95
CA ASN A 533 -15.55 -8.08 -14.21
C ASN A 533 -16.37 -6.80 -14.38
N PHE A 534 -15.84 -5.86 -15.15
CA PHE A 534 -16.14 -4.45 -14.94
C PHE A 534 -17.64 -4.19 -15.00
N PRO A 535 -18.26 -4.60 -16.11
CA PRO A 535 -19.68 -4.31 -16.35
C PRO A 535 -20.57 -4.89 -15.26
N ALA A 536 -20.20 -6.06 -14.73
CA ALA A 536 -20.94 -6.69 -13.65
C ALA A 536 -20.68 -5.98 -12.32
N LEU A 537 -19.42 -5.65 -12.07
CA LEU A 537 -19.03 -4.98 -10.84
C LEU A 537 -19.61 -3.57 -10.85
N LEU A 538 -19.59 -2.90 -12.00
CA LEU A 538 -20.15 -1.57 -12.10
C LEU A 538 -21.60 -1.58 -11.61
N LYS A 539 -22.39 -2.52 -12.10
CA LYS A 539 -23.79 -2.59 -11.74
C LYS A 539 -24.03 -2.70 -10.22
N THR A 540 -23.12 -3.37 -9.52
CA THR A 540 -23.29 -3.58 -8.09
C THR A 540 -22.84 -2.39 -7.26
N LEU A 541 -22.25 -1.38 -7.89
CA LEU A 541 -21.68 -0.26 -7.14
C LEU A 541 -22.22 1.10 -7.61
N LEU A 542 -23.51 1.14 -7.95
CA LEU A 542 -24.15 2.33 -8.50
C LEU A 542 -25.10 3.05 -7.53
N ASN A 543 -25.91 2.29 -6.80
CA ASN A 543 -26.82 2.84 -5.79
C ASN A 543 -26.91 1.87 -4.61
N PRO A 544 -26.64 2.36 -3.39
CA PRO A 544 -26.28 3.72 -3.00
C PRO A 544 -24.93 4.17 -3.52
CA CA B . -12.32 -17.90 -4.38
C1 NAG C . -15.60 -11.12 -19.32
C2 NAG C . -15.49 -11.96 -18.06
C3 NAG C . -15.46 -13.44 -18.42
C4 NAG C . -16.69 -13.81 -19.24
C5 NAG C . -16.89 -12.82 -20.37
C6 NAG C . -18.27 -13.01 -21.01
C7 NAG C . -14.32 -11.67 -15.89
C8 NAG C . -13.04 -11.35 -15.22
N2 NAG C . -14.35 -11.55 -17.24
O3 NAG C . -15.44 -14.25 -17.27
O4 NAG C . -16.45 -15.06 -19.83
O5 NAG C . -16.83 -11.50 -19.90
O6 NAG C . -18.17 -12.44 -22.29
O7 NAG C . -15.26 -12.07 -15.19
C1 NAG D . -10.75 12.16 -22.36
C2 NAG D . -12.03 12.37 -23.13
C3 NAG D . -12.04 13.72 -23.83
C4 NAG D . -11.73 14.82 -22.86
C5 NAG D . -10.47 14.50 -22.08
C6 NAG D . -10.18 15.57 -21.02
C7 NAG D . -13.34 10.57 -24.05
C8 NAG D . -13.39 9.50 -25.09
N2 NAG D . -12.25 11.32 -24.07
O3 NAG D . -13.33 13.93 -24.41
O4 NAG D . -11.49 15.98 -23.62
O5 NAG D . -10.65 13.24 -21.44
O6 NAG D . -8.99 15.30 -20.31
O7 NAG D . -14.25 10.73 -23.24
C1 NAG E . 1.64 21.26 4.55
C2 NAG E . 3.16 21.20 4.59
C3 NAG E . 3.69 22.58 4.91
C4 NAG E . 3.23 23.54 3.82
C5 NAG E . 1.71 23.54 3.70
C6 NAG E . 1.34 24.21 2.39
C7 NAG E . 4.57 19.40 5.50
C8 NAG E . 4.95 18.64 6.75
N2 NAG E . 3.58 20.28 5.62
O3 NAG E . 5.09 22.52 4.98
O4 NAG E . 3.65 24.86 4.08
O5 NAG E . 1.17 22.23 3.63
O6 NAG E . -0.04 24.50 2.40
O7 NAG E . 5.16 19.17 4.44
C1 NAG F . -3.63 -13.34 17.13
C2 NAG F . -2.47 -12.69 17.89
C3 NAG F . -2.93 -11.80 19.04
C4 NAG F . -3.91 -10.76 18.51
C5 NAG F . -4.98 -11.42 17.64
C6 NAG F . -5.77 -10.36 16.94
C7 NAG F . -0.21 -13.56 18.34
C8 NAG F . 0.58 -14.68 18.94
N2 NAG F . -1.54 -13.70 18.39
O3 NAG F . -1.79 -11.21 19.65
O4 NAG F . -4.52 -9.98 19.53
O5 NAG F . -4.45 -12.31 16.65
O6 NAG F . -7.00 -10.88 16.54
O7 NAG F . 0.38 -12.57 17.88
C1 EDO G . -13.83 -1.63 9.76
O1 EDO G . -14.35 -2.72 10.51
C2 EDO G . -14.96 -0.68 9.34
O2 EDO G . -15.45 0.06 10.45
C1 EDO H . 2.92 -5.33 16.86
O1 EDO H . 2.92 -6.61 17.48
C2 EDO H . 3.29 -5.49 15.35
O2 EDO H . 4.47 -6.28 15.23
C1 EDO I . 1.10 -16.51 15.31
O1 EDO I . -0.28 -16.69 15.48
C2 EDO I . 1.68 -17.59 14.39
O2 EDO I . 0.76 -17.97 13.36
C1 EDO J . -14.04 12.50 -1.82
O1 EDO J . -14.65 11.77 -0.76
C2 EDO J . -12.63 11.93 -2.03
O2 EDO J . -12.78 10.54 -2.31
#